data_1GOR
#
_entry.id   1GOR
#
_cell.length_a   45.645
_cell.length_b   59.252
_cell.length_c   50.641
_cell.angle_alpha   90.00
_cell.angle_beta   111.34
_cell.angle_gamma   90.00
#
_symmetry.space_group_name_H-M   'P 1 21 1'
#
loop_
_entity.id
_entity.type
_entity.pdbx_description
1 polymer ENDO-1,4-BETA-XYLANASE
2 branched beta-D-xylopyranose-(1-4)-alpha-D-xylopyranose
3 water water
#
_entity_poly.entity_id   1
_entity_poly.type   'polypeptide(L)'
_entity_poly.pdbx_seq_one_letter_code
;(PCA)AAQSVDQLIKARGKVYFGVATDQNRLTTGKNAAIIQADFGQVTPENSMKWDATEPSQGNFNFAGADYLVNWAQQN
GKLIRGHTLVWHSQLPSWVSSITDKNTLTNVMKNHITTLMTRYKGKIRAWDVVNEAFNEDGSLRQTVFLNVIGEDYIPIA
FQTARAADPNAKLYINDYNLDSASYPKTQAIVNRVKQWRAAGVPIDGIGSQTHLSAGQGAGVLQALPLLASAGTPEVAIT
ELDVAGASPTDYVNVVNACLNVQSCVGITVWGVADPDSWRASTTPLLFDGNFNPKPAYNAIVQDLQQ
;
_entity_poly.pdbx_strand_id   A
#
loop_
_chem_comp.id
_chem_comp.type
_chem_comp.name
_chem_comp.formula
XYP D-saccharide, beta linking beta-D-xylopyranose 'C5 H10 O5'
XYS D-saccharide, alpha linking alpha-D-xylopyranose 'C5 H10 O5'
#
# COMPACT_ATOMS: atom_id res chain seq x y z
N PCA A 1 17.68 -4.05 -15.38
CA PCA A 1 18.03 -4.03 -13.98
CB PCA A 1 18.33 -5.48 -13.61
CG PCA A 1 18.12 -6.28 -14.89
CD PCA A 1 17.71 -5.26 -15.92
OE PCA A 1 17.44 -5.52 -17.10
C PCA A 1 19.26 -3.15 -13.69
O PCA A 1 20.23 -3.14 -14.45
N ALA A 2 19.19 -2.43 -12.58
CA ALA A 2 20.28 -1.56 -12.15
C ALA A 2 21.29 -2.40 -11.37
N ALA A 3 22.57 -2.10 -11.55
CA ALA A 3 23.62 -2.83 -10.85
C ALA A 3 23.44 -2.76 -9.33
N GLN A 4 23.09 -1.58 -8.83
CA GLN A 4 22.89 -1.38 -7.40
C GLN A 4 21.40 -1.56 -7.03
N SER A 5 21.13 -2.43 -6.06
CA SER A 5 19.77 -2.70 -5.61
C SER A 5 19.36 -1.81 -4.44
N VAL A 6 18.30 -1.03 -4.63
CA VAL A 6 17.80 -0.14 -3.59
C VAL A 6 17.27 -0.93 -2.40
N ASP A 7 16.80 -2.15 -2.66
CA ASP A 7 16.28 -3.01 -1.59
C ASP A 7 17.44 -3.52 -0.75
N GLN A 8 18.51 -3.96 -1.41
CA GLN A 8 19.68 -4.44 -0.70
C GLN A 8 20.27 -3.32 0.14
N LEU A 9 20.34 -2.13 -0.44
CA LEU A 9 20.90 -0.99 0.27
C LEU A 9 20.02 -0.51 1.42
N ILE A 10 18.70 -0.55 1.25
CA ILE A 10 17.85 -0.09 2.35
C ILE A 10 17.89 -1.13 3.46
N LYS A 11 18.04 -2.40 3.09
CA LYS A 11 18.13 -3.47 4.09
C LYS A 11 19.40 -3.25 4.90
N ALA A 12 20.44 -2.77 4.23
CA ALA A 12 21.71 -2.51 4.89
C ALA A 12 21.58 -1.32 5.85
N ARG A 13 20.57 -0.49 5.62
CA ARG A 13 20.34 0.68 6.47
C ARG A 13 19.41 0.30 7.64
N GLY A 14 19.00 -0.96 7.67
CA GLY A 14 18.15 -1.45 8.75
C GLY A 14 16.66 -1.54 8.47
N LYS A 15 16.23 -1.28 7.24
CA LYS A 15 14.81 -1.38 6.91
C LYS A 15 14.48 -2.76 6.38
N VAL A 16 13.18 -3.04 6.27
CA VAL A 16 12.74 -4.35 5.82
C VAL A 16 12.77 -4.55 4.31
N TYR A 17 12.38 -3.52 3.55
CA TYR A 17 12.34 -3.67 2.11
C TYR A 17 12.15 -2.37 1.33
N PHE A 18 12.36 -2.48 0.03
CA PHE A 18 12.12 -1.39 -0.91
C PHE A 18 11.51 -2.22 -2.05
N GLY A 19 10.22 -1.99 -2.32
CA GLY A 19 9.54 -2.75 -3.35
C GLY A 19 8.78 -1.94 -4.37
N VAL A 20 8.00 -2.63 -5.20
CA VAL A 20 7.23 -1.99 -6.24
C VAL A 20 5.91 -2.71 -6.47
N ALA A 21 4.96 -1.99 -7.06
CA ALA A 21 3.66 -2.53 -7.40
C ALA A 21 3.84 -3.26 -8.73
N THR A 22 3.13 -4.36 -8.93
CA THR A 22 3.24 -5.11 -10.17
C THR A 22 2.09 -6.10 -10.28
N ASP A 23 2.12 -6.94 -11.30
CA ASP A 23 1.10 -7.96 -11.53
C ASP A 23 1.53 -8.76 -12.75
N GLN A 24 0.77 -9.81 -13.05
CA GLN A 24 1.09 -10.69 -14.17
C GLN A 24 1.34 -9.96 -15.49
N ASN A 25 0.51 -8.99 -15.81
CA ASN A 25 0.66 -8.24 -17.06
C ASN A 25 2.03 -7.57 -17.20
N ARG A 26 2.65 -7.22 -16.07
CA ARG A 26 3.97 -6.58 -16.11
C ARG A 26 5.08 -7.64 -16.06
N LEU A 27 4.93 -8.61 -15.17
CA LEU A 27 5.93 -9.66 -15.00
C LEU A 27 6.16 -10.48 -16.27
N THR A 28 5.15 -10.52 -17.15
CA THR A 28 5.26 -11.30 -18.38
C THR A 28 5.76 -10.50 -19.58
N THR A 29 6.07 -9.22 -19.38
CA THR A 29 6.55 -8.38 -20.47
C THR A 29 7.76 -7.52 -20.12
N GLY A 30 8.38 -6.95 -21.14
CA GLY A 30 9.53 -6.08 -20.93
C GLY A 30 10.58 -6.66 -19.98
N LYS A 31 11.19 -5.79 -19.19
CA LYS A 31 12.22 -6.20 -18.25
C LYS A 31 11.77 -6.10 -16.79
N ASN A 32 10.45 -6.03 -16.58
CA ASN A 32 9.91 -5.92 -15.23
C ASN A 32 10.37 -7.00 -14.26
N ALA A 33 10.23 -8.26 -14.65
CA ALA A 33 10.63 -9.37 -13.79
C ALA A 33 12.10 -9.28 -13.39
N ALA A 34 12.97 -9.09 -14.38
CA ALA A 34 14.41 -9.01 -14.13
C ALA A 34 14.74 -7.84 -13.22
N ILE A 35 14.11 -6.69 -13.43
CA ILE A 35 14.36 -5.52 -12.60
C ILE A 35 13.94 -5.77 -11.15
N ILE A 36 12.75 -6.35 -10.98
CA ILE A 36 12.24 -6.64 -9.64
C ILE A 36 13.12 -7.66 -8.93
N GLN A 37 13.50 -8.72 -9.65
CA GLN A 37 14.36 -9.76 -9.06
C GLN A 37 15.69 -9.17 -8.57
N ALA A 38 16.24 -8.24 -9.34
CA ALA A 38 17.53 -7.66 -8.99
C ALA A 38 17.54 -6.45 -8.07
N ASP A 39 16.58 -5.56 -8.22
CA ASP A 39 16.58 -4.33 -7.42
C ASP A 39 15.54 -4.14 -6.31
N PHE A 40 14.56 -5.03 -6.23
CA PHE A 40 13.51 -4.89 -5.23
C PHE A 40 13.31 -6.16 -4.43
N GLY A 41 12.77 -6.02 -3.22
CA GLY A 41 12.57 -7.18 -2.37
C GLY A 41 11.14 -7.36 -1.90
N GLN A 42 10.22 -6.61 -2.50
CA GLN A 42 8.82 -6.68 -2.11
C GLN A 42 7.93 -6.26 -3.28
N VAL A 43 6.73 -6.82 -3.32
CA VAL A 43 5.78 -6.51 -4.37
C VAL A 43 4.38 -6.37 -3.80
N THR A 44 3.61 -5.48 -4.40
CA THR A 44 2.22 -5.26 -4.03
C THR A 44 1.42 -5.46 -5.32
N PRO A 45 0.36 -6.28 -5.28
CA PRO A 45 -0.43 -6.49 -6.50
C PRO A 45 -1.11 -5.17 -6.87
N GLU A 46 -0.83 -4.65 -8.05
CA GLU A 46 -1.41 -3.38 -8.47
C GLU A 46 -2.94 -3.42 -8.60
N ASN A 47 -3.48 -4.57 -9.00
CA ASN A 47 -4.93 -4.70 -9.17
C ASN A 47 -5.53 -6.08 -8.87
N SER A 48 -4.73 -7.13 -9.07
CA SER A 48 -5.19 -8.52 -8.90
C SER A 48 -5.83 -8.96 -7.58
N MET A 49 -5.62 -8.20 -6.50
CA MET A 49 -6.22 -8.58 -5.21
C MET A 49 -7.34 -7.66 -4.78
N LYS A 50 -7.78 -6.77 -5.66
CA LYS A 50 -8.85 -5.87 -5.32
C LYS A 50 -10.18 -6.62 -5.41
N TRP A 51 -11.22 -6.03 -4.85
CA TRP A 51 -12.52 -6.69 -4.81
C TRP A 51 -13.11 -7.04 -6.18
N ASP A 52 -13.06 -6.11 -7.14
CA ASP A 52 -13.63 -6.42 -8.45
C ASP A 52 -12.97 -7.60 -9.15
N ALA A 53 -11.68 -7.81 -8.91
CA ALA A 53 -10.96 -8.90 -9.52
C ALA A 53 -11.16 -10.24 -8.81
N THR A 54 -11.16 -10.19 -7.47
CA THR A 54 -11.28 -11.40 -6.67
C THR A 54 -12.68 -11.95 -6.39
N GLU A 55 -13.68 -11.08 -6.32
CA GLU A 55 -15.05 -11.54 -6.06
C GLU A 55 -16.01 -10.73 -6.94
N PRO A 56 -15.93 -10.94 -8.27
CA PRO A 56 -16.75 -10.28 -9.30
C PRO A 56 -18.23 -10.53 -9.05
N SER A 57 -18.50 -11.74 -8.57
CA SER A 57 -19.84 -12.18 -8.23
C SER A 57 -19.73 -12.69 -6.81
N GLN A 58 -20.73 -12.41 -5.98
CA GLN A 58 -20.69 -12.84 -4.59
C GLN A 58 -20.46 -14.34 -4.42
N GLY A 59 -19.50 -14.68 -3.56
CA GLY A 59 -19.21 -16.07 -3.32
C GLY A 59 -18.54 -16.80 -4.46
N ASN A 60 -18.29 -16.09 -5.56
CA ASN A 60 -17.62 -16.68 -6.72
C ASN A 60 -16.27 -16.00 -6.91
N PHE A 61 -15.29 -16.45 -6.13
CA PHE A 61 -13.94 -15.87 -6.19
C PHE A 61 -13.09 -16.29 -7.36
N ASN A 62 -12.20 -15.39 -7.76
CA ASN A 62 -11.27 -15.62 -8.86
C ASN A 62 -9.90 -15.19 -8.34
N PHE A 63 -8.98 -16.13 -8.26
CA PHE A 63 -7.63 -15.85 -7.76
C PHE A 63 -6.53 -16.03 -8.80
N ALA A 64 -6.91 -16.09 -10.08
CA ALA A 64 -5.93 -16.27 -11.15
C ALA A 64 -4.77 -15.29 -11.06
N GLY A 65 -5.06 -14.00 -11.18
CA GLY A 65 -4.02 -12.99 -11.11
C GLY A 65 -3.32 -12.94 -9.77
N ALA A 66 -4.10 -13.02 -8.70
CA ALA A 66 -3.54 -12.97 -7.36
C ALA A 66 -2.58 -14.14 -7.12
N ASP A 67 -2.98 -15.34 -7.53
CA ASP A 67 -2.14 -16.53 -7.37
C ASP A 67 -0.84 -16.40 -8.17
N TYR A 68 -0.92 -15.82 -9.35
CA TYR A 68 0.27 -15.65 -10.19
C TYR A 68 1.31 -14.82 -9.45
N LEU A 69 0.88 -13.68 -8.92
CA LEU A 69 1.78 -12.78 -8.21
C LEU A 69 2.35 -13.39 -6.94
N VAL A 70 1.48 -14.01 -6.12
CA VAL A 70 1.93 -14.64 -4.88
C VAL A 70 2.95 -15.74 -5.14
N ASN A 71 2.66 -16.60 -6.12
CA ASN A 71 3.58 -17.68 -6.47
C ASN A 71 4.90 -17.12 -6.97
N TRP A 72 4.83 -16.17 -7.91
CA TRP A 72 6.04 -15.57 -8.45
C TRP A 72 6.85 -14.94 -7.32
N ALA A 73 6.18 -14.24 -6.43
CA ALA A 73 6.84 -13.60 -5.30
C ALA A 73 7.56 -14.64 -4.43
N GLN A 74 6.86 -15.69 -4.02
CA GLN A 74 7.47 -16.72 -3.19
C GLN A 74 8.66 -17.39 -3.88
N GLN A 75 8.49 -17.73 -5.14
CA GLN A 75 9.55 -18.38 -5.90
C GLN A 75 10.79 -17.49 -6.04
N ASN A 76 10.59 -16.17 -5.95
CA ASN A 76 11.70 -15.24 -6.08
C ASN A 76 12.10 -14.55 -4.78
N GLY A 77 11.65 -15.11 -3.66
CA GLY A 77 11.97 -14.58 -2.36
C GLY A 77 11.58 -13.13 -2.09
N LYS A 78 10.47 -12.69 -2.66
CA LYS A 78 10.01 -11.32 -2.46
C LYS A 78 8.85 -11.24 -1.47
N LEU A 79 8.89 -10.23 -0.59
CA LEU A 79 7.82 -10.04 0.39
C LEU A 79 6.58 -9.55 -0.36
N ILE A 80 5.42 -9.75 0.23
CA ILE A 80 4.16 -9.35 -0.39
C ILE A 80 3.29 -8.48 0.52
N ARG A 81 2.70 -7.43 -0.03
CA ARG A 81 1.77 -6.58 0.72
C ARG A 81 0.41 -6.76 0.02
N GLY A 82 -0.57 -7.36 0.71
CA GLY A 82 -1.90 -7.53 0.14
C GLY A 82 -2.59 -6.19 0.04
N HIS A 83 -3.33 -5.99 -1.04
CA HIS A 83 -4.00 -4.72 -1.34
C HIS A 83 -5.24 -5.14 -2.15
N THR A 84 -6.46 -4.63 -1.90
CA THR A 84 -6.89 -3.67 -0.88
C THR A 84 -8.15 -4.47 -0.45
N LEU A 85 -8.39 -4.72 0.85
CA LEU A 85 -9.55 -5.55 1.22
C LEU A 85 -10.89 -4.84 1.26
N VAL A 86 -10.90 -3.65 1.85
CA VAL A 86 -12.13 -2.86 1.94
C VAL A 86 -11.86 -1.49 1.31
N TRP A 87 -12.52 -1.22 0.20
CA TRP A 87 -12.34 0.05 -0.52
C TRP A 87 -13.59 0.35 -1.32
N HIS A 88 -13.92 1.64 -1.46
CA HIS A 88 -15.12 2.03 -2.21
C HIS A 88 -14.92 1.98 -3.73
N SER A 89 -13.67 2.08 -4.19
CA SER A 89 -13.39 2.04 -5.61
C SER A 89 -13.16 0.61 -6.07
N GLN A 90 -13.30 0.38 -7.39
CA GLN A 90 -13.13 -0.93 -7.97
C GLN A 90 -13.91 -1.94 -7.14
N LEU A 91 -15.14 -1.56 -6.82
CA LEU A 91 -16.06 -2.38 -6.03
C LEU A 91 -17.22 -2.83 -6.90
N PRO A 92 -17.53 -4.14 -6.89
CA PRO A 92 -18.64 -4.69 -7.68
C PRO A 92 -19.98 -4.05 -7.34
N SER A 93 -20.85 -3.96 -8.34
CA SER A 93 -22.16 -3.38 -8.17
C SER A 93 -22.99 -4.18 -7.17
N TRP A 94 -22.75 -5.49 -7.09
CA TRP A 94 -23.53 -6.31 -6.16
C TRP A 94 -23.27 -5.94 -4.72
N VAL A 95 -22.08 -5.38 -4.44
CA VAL A 95 -21.75 -4.97 -3.09
C VAL A 95 -22.41 -3.63 -2.77
N SER A 96 -22.25 -2.66 -3.66
CA SER A 96 -22.81 -1.34 -3.44
C SER A 96 -24.35 -1.33 -3.47
N SER A 97 -24.94 -2.41 -3.96
CA SER A 97 -26.40 -2.52 -4.04
C SER A 97 -27.00 -2.95 -2.71
N ILE A 98 -26.17 -3.44 -1.80
CA ILE A 98 -26.62 -3.90 -0.51
C ILE A 98 -26.92 -2.74 0.43
N THR A 99 -28.11 -2.75 1.03
CA THR A 99 -28.50 -1.69 1.95
C THR A 99 -28.76 -2.21 3.36
N ASP A 100 -28.70 -3.53 3.54
CA ASP A 100 -28.95 -4.13 4.84
C ASP A 100 -27.66 -4.25 5.66
N LYS A 101 -27.69 -3.74 6.88
CA LYS A 101 -26.53 -3.77 7.76
C LYS A 101 -25.94 -5.16 7.98
N ASN A 102 -26.77 -6.13 8.39
CA ASN A 102 -26.28 -7.49 8.62
C ASN A 102 -25.67 -8.09 7.36
N THR A 103 -26.38 -7.93 6.24
CA THR A 103 -25.92 -8.47 4.97
C THR A 103 -24.53 -7.95 4.56
N LEU A 104 -24.38 -6.65 4.49
CA LEU A 104 -23.09 -6.08 4.10
C LEU A 104 -21.96 -6.46 5.07
N THR A 105 -22.26 -6.50 6.36
CA THR A 105 -21.27 -6.86 7.35
C THR A 105 -20.73 -8.26 7.08
N ASN A 106 -21.65 -9.21 6.89
CA ASN A 106 -21.25 -10.59 6.61
C ASN A 106 -20.51 -10.69 5.27
N VAL A 107 -20.94 -9.93 4.28
CA VAL A 107 -20.29 -9.92 2.98
C VAL A 107 -18.86 -9.42 3.10
N MET A 108 -18.69 -8.32 3.84
CA MET A 108 -17.37 -7.73 4.04
C MET A 108 -16.45 -8.70 4.79
N LYS A 109 -16.98 -9.30 5.86
CA LYS A 109 -16.19 -10.24 6.65
C LYS A 109 -15.77 -11.45 5.83
N ASN A 110 -16.67 -11.96 5.00
CA ASN A 110 -16.36 -13.12 4.18
C ASN A 110 -15.30 -12.77 3.14
N HIS A 111 -15.39 -11.58 2.57
CA HIS A 111 -14.42 -11.16 1.58
C HIS A 111 -13.03 -11.13 2.24
N ILE A 112 -12.95 -10.46 3.39
CA ILE A 112 -11.70 -10.34 4.13
C ILE A 112 -11.15 -11.72 4.49
N THR A 113 -11.99 -12.52 5.14
CA THR A 113 -11.58 -13.84 5.58
C THR A 113 -11.13 -14.77 4.44
N THR A 114 -11.87 -14.75 3.34
CA THR A 114 -11.51 -15.63 2.22
C THR A 114 -10.16 -15.31 1.61
N LEU A 115 -9.92 -14.05 1.27
CA LEU A 115 -8.64 -13.66 0.69
C LEU A 115 -7.44 -13.89 1.61
N MET A 116 -7.56 -13.48 2.86
CA MET A 116 -6.46 -13.65 3.79
C MET A 116 -6.16 -15.12 4.11
N THR A 117 -7.21 -15.94 4.21
CA THR A 117 -7.04 -17.35 4.51
C THR A 117 -6.34 -18.09 3.36
N ARG A 118 -6.66 -17.73 2.13
CA ARG A 118 -6.04 -18.38 0.98
C ARG A 118 -4.52 -18.25 0.99
N TYR A 119 -4.05 -17.08 1.43
CA TYR A 119 -2.62 -16.80 1.45
C TYR A 119 -2.07 -16.69 2.86
N LYS A 120 -2.72 -17.36 3.80
CA LYS A 120 -2.32 -17.33 5.22
C LYS A 120 -0.85 -17.64 5.44
N GLY A 121 -0.18 -16.76 6.17
CA GLY A 121 1.23 -16.95 6.48
C GLY A 121 2.18 -16.53 5.37
N LYS A 122 1.65 -16.22 4.19
CA LYS A 122 2.49 -15.82 3.07
C LYS A 122 2.52 -14.32 2.80
N ILE A 123 1.68 -13.57 3.52
CA ILE A 123 1.59 -12.12 3.32
C ILE A 123 2.13 -11.34 4.51
N ARG A 124 3.16 -10.52 4.27
CA ARG A 124 3.75 -9.75 5.35
C ARG A 124 2.80 -8.72 5.93
N ALA A 125 2.03 -8.06 5.07
CA ALA A 125 1.10 -7.03 5.52
C ALA A 125 -0.07 -6.88 4.54
N TRP A 126 -1.22 -6.48 5.07
CA TRP A 126 -2.42 -6.27 4.26
C TRP A 126 -2.97 -4.86 4.44
N ASP A 127 -3.37 -4.23 3.35
CA ASP A 127 -4.01 -2.91 3.44
C ASP A 127 -5.46 -3.36 3.61
N VAL A 128 -5.91 -3.39 4.85
CA VAL A 128 -7.26 -3.84 5.17
C VAL A 128 -8.33 -2.85 4.75
N VAL A 129 -8.14 -1.58 5.11
CA VAL A 129 -9.07 -0.52 4.77
C VAL A 129 -8.29 0.52 3.97
N ASN A 130 -8.85 0.90 2.82
CA ASN A 130 -8.19 1.86 1.95
C ASN A 130 -9.01 3.13 1.74
N GLU A 131 -8.36 4.28 1.87
CA GLU A 131 -8.99 5.59 1.66
C GLU A 131 -10.32 5.81 2.41
N ALA A 132 -10.31 5.63 3.72
CA ALA A 132 -11.52 5.78 4.53
C ALA A 132 -11.78 7.21 5.00
N PHE A 133 -10.85 8.12 4.73
CA PHE A 133 -10.97 9.50 5.17
C PHE A 133 -11.23 10.56 4.10
N ASN A 134 -12.04 11.56 4.47
CA ASN A 134 -12.30 12.67 3.58
C ASN A 134 -11.11 13.59 3.79
N GLU A 135 -10.92 14.56 2.91
CA GLU A 135 -9.80 15.48 3.04
C GLU A 135 -9.86 16.30 4.33
N ASP A 136 -11.06 16.56 4.84
CA ASP A 136 -11.19 17.36 6.06
C ASP A 136 -11.04 16.53 7.33
N GLY A 137 -10.72 15.24 7.17
CA GLY A 137 -10.54 14.39 8.34
C GLY A 137 -11.76 13.58 8.76
N SER A 138 -12.93 13.94 8.24
CA SER A 138 -14.13 13.19 8.58
C SER A 138 -14.02 11.87 7.81
N LEU A 139 -14.83 10.89 8.19
CA LEU A 139 -14.80 9.60 7.51
C LEU A 139 -15.57 9.66 6.19
N ARG A 140 -14.97 9.08 5.15
CA ARG A 140 -15.58 9.06 3.82
C ARG A 140 -16.89 8.29 3.85
N GLN A 141 -17.94 8.91 3.32
CA GLN A 141 -19.26 8.31 3.27
C GLN A 141 -19.39 7.29 2.15
N THR A 142 -18.83 6.10 2.37
CA THR A 142 -18.90 5.04 1.38
C THR A 142 -20.04 4.11 1.76
N VAL A 143 -20.34 3.14 0.91
CA VAL A 143 -21.43 2.22 1.21
C VAL A 143 -21.16 1.54 2.55
N PHE A 144 -19.90 1.25 2.85
CA PHE A 144 -19.56 0.61 4.12
C PHE A 144 -19.92 1.49 5.31
N LEU A 145 -19.60 2.77 5.22
CA LEU A 145 -19.92 3.68 6.31
C LEU A 145 -21.43 3.94 6.40
N ASN A 146 -22.05 4.15 5.24
CA ASN A 146 -23.48 4.43 5.20
C ASN A 146 -24.36 3.29 5.67
N VAL A 147 -23.95 2.06 5.35
CA VAL A 147 -24.74 0.88 5.69
C VAL A 147 -24.37 0.22 7.02
N ILE A 148 -23.08 0.11 7.30
CA ILE A 148 -22.65 -0.53 8.54
C ILE A 148 -22.41 0.48 9.66
N GLY A 149 -21.92 1.66 9.30
CA GLY A 149 -21.64 2.68 10.29
C GLY A 149 -20.15 2.70 10.56
N GLU A 150 -19.69 3.62 11.40
CA GLU A 150 -18.27 3.74 11.72
C GLU A 150 -17.63 2.45 12.22
N ASP A 151 -18.43 1.54 12.76
CA ASP A 151 -17.89 0.30 13.29
C ASP A 151 -17.37 -0.65 12.21
N TYR A 152 -17.58 -0.31 10.94
CA TYR A 152 -17.11 -1.18 9.87
C TYR A 152 -15.59 -1.28 9.88
N ILE A 153 -14.92 -0.22 10.33
CA ILE A 153 -13.45 -0.24 10.38
C ILE A 153 -12.98 -1.18 11.49
N PRO A 154 -13.48 -1.01 12.72
CA PRO A 154 -13.03 -1.93 13.77
C PRO A 154 -13.34 -3.38 13.37
N ILE A 155 -14.52 -3.59 12.78
CA ILE A 155 -14.93 -4.93 12.36
C ILE A 155 -13.98 -5.50 11.32
N ALA A 156 -13.61 -4.69 10.33
CA ALA A 156 -12.70 -5.15 9.29
C ALA A 156 -11.37 -5.59 9.88
N PHE A 157 -10.82 -4.79 10.79
CA PHE A 157 -9.54 -5.15 11.40
C PHE A 157 -9.59 -6.37 12.31
N GLN A 158 -10.64 -6.48 13.12
CA GLN A 158 -10.77 -7.64 14.00
C GLN A 158 -10.90 -8.91 13.18
N THR A 159 -11.66 -8.81 12.08
CA THR A 159 -11.86 -9.96 11.19
C THR A 159 -10.55 -10.33 10.50
N ALA A 160 -9.82 -9.32 10.04
CA ALA A 160 -8.54 -9.57 9.38
C ALA A 160 -7.57 -10.27 10.31
N ARG A 161 -7.46 -9.79 11.55
CA ARG A 161 -6.55 -10.41 12.50
C ARG A 161 -6.88 -11.87 12.74
N ALA A 162 -8.17 -12.19 12.87
CA ALA A 162 -8.58 -13.57 13.11
C ALA A 162 -8.28 -14.45 11.90
N ALA A 163 -8.36 -13.87 10.70
CA ALA A 163 -8.10 -14.62 9.48
C ALA A 163 -6.64 -15.03 9.32
N ASP A 164 -5.73 -14.11 9.60
CA ASP A 164 -4.30 -14.40 9.52
C ASP A 164 -3.54 -13.56 10.55
N PRO A 165 -3.37 -14.10 11.77
CA PRO A 165 -2.68 -13.44 12.87
C PRO A 165 -1.21 -13.10 12.57
N ASN A 166 -0.68 -13.70 11.50
CA ASN A 166 0.71 -13.45 11.09
C ASN A 166 0.95 -12.13 10.37
N ALA A 167 -0.06 -11.64 9.67
CA ALA A 167 0.06 -10.41 8.90
C ALA A 167 -0.09 -9.11 9.67
N LYS A 168 0.61 -8.08 9.20
CA LYS A 168 0.53 -6.76 9.82
C LYS A 168 -0.63 -6.07 9.10
N LEU A 169 -1.60 -5.59 9.89
CA LEU A 169 -2.79 -4.95 9.32
C LEU A 169 -2.67 -3.43 9.22
N TYR A 170 -2.85 -2.93 8.00
CA TYR A 170 -2.74 -1.50 7.73
C TYR A 170 -4.02 -0.80 7.31
N ILE A 171 -4.05 0.50 7.58
CA ILE A 171 -5.11 1.37 7.11
C ILE A 171 -4.25 2.23 6.18
N ASN A 172 -4.67 2.32 4.92
CA ASN A 172 -3.89 3.03 3.89
C ASN A 172 -4.65 4.26 3.37
N ASP A 173 -3.92 5.33 3.06
CA ASP A 173 -4.57 6.52 2.51
C ASP A 173 -3.58 7.47 1.87
N TYR A 174 -4.10 8.41 1.07
CA TYR A 174 -3.27 9.39 0.41
C TYR A 174 -3.46 10.77 1.00
N ASN A 175 -2.64 11.71 0.57
CA ASN A 175 -2.65 13.07 1.06
C ASN A 175 -2.34 13.12 2.56
N LEU A 176 -1.45 12.23 2.98
CA LEU A 176 -1.00 12.20 4.39
C LEU A 176 0.47 12.64 4.27
N ASP A 177 0.73 13.53 3.32
CA ASP A 177 2.07 14.01 3.01
C ASP A 177 2.52 15.29 3.69
N SER A 178 1.61 15.98 4.36
CA SER A 178 1.93 17.23 5.05
C SER A 178 1.48 17.15 6.50
N ALA A 179 2.36 17.52 7.43
CA ALA A 179 2.04 17.48 8.85
C ALA A 179 0.98 18.49 9.27
N SER A 180 0.77 19.54 8.47
CA SER A 180 -0.23 20.56 8.80
C SER A 180 -1.59 20.31 8.15
N TYR A 181 -1.66 19.31 7.27
CA TYR A 181 -2.90 18.97 6.56
C TYR A 181 -3.89 18.26 7.49
N PRO A 182 -5.17 18.66 7.45
CA PRO A 182 -6.24 18.08 8.27
C PRO A 182 -6.33 16.55 8.27
N LYS A 183 -6.26 15.98 7.07
CA LYS A 183 -6.35 14.53 6.90
C LYS A 183 -5.27 13.78 7.67
N THR A 184 -4.06 14.29 7.62
CA THR A 184 -2.93 13.66 8.32
C THR A 184 -3.15 13.62 9.82
N GLN A 185 -3.60 14.74 10.37
CA GLN A 185 -3.85 14.86 11.81
C GLN A 185 -5.05 14.02 12.24
N ALA A 186 -6.05 13.93 11.37
CA ALA A 186 -7.25 13.16 11.68
C ALA A 186 -7.00 11.66 11.75
N ILE A 187 -6.29 11.12 10.77
CA ILE A 187 -6.04 9.68 10.77
C ILE A 187 -5.20 9.30 11.99
N VAL A 188 -4.28 10.18 12.37
CA VAL A 188 -3.43 9.93 13.54
C VAL A 188 -4.31 9.82 14.80
N ASN A 189 -5.18 10.81 14.99
CA ASN A 189 -6.08 10.84 16.15
C ASN A 189 -7.03 9.63 16.17
N ARG A 190 -7.63 9.32 15.02
CA ARG A 190 -8.55 8.19 14.93
C ARG A 190 -7.86 6.86 15.19
N VAL A 191 -6.68 6.67 14.60
CA VAL A 191 -5.94 5.42 14.80
C VAL A 191 -5.55 5.28 16.26
N LYS A 192 -5.21 6.41 16.88
CA LYS A 192 -4.86 6.41 18.29
C LYS A 192 -6.08 5.92 19.08
N GLN A 193 -7.24 6.46 18.75
CA GLN A 193 -8.49 6.07 19.42
C GLN A 193 -8.85 4.60 19.19
N TRP A 194 -8.76 4.14 17.94
CA TRP A 194 -9.11 2.76 17.63
C TRP A 194 -8.19 1.77 18.34
N ARG A 195 -6.90 2.03 18.32
CA ARG A 195 -5.97 1.12 18.98
C ARG A 195 -6.23 1.10 20.48
N ALA A 196 -6.67 2.24 21.02
CA ALA A 196 -6.96 2.35 22.45
C ALA A 196 -8.18 1.51 22.81
N ALA A 197 -9.08 1.33 21.84
CA ALA A 197 -10.29 0.54 22.06
C ALA A 197 -10.05 -0.94 21.76
N GLY A 198 -8.81 -1.29 21.40
CA GLY A 198 -8.50 -2.67 21.12
C GLY A 198 -8.46 -3.08 19.66
N VAL A 199 -8.63 -2.12 18.75
CA VAL A 199 -8.60 -2.46 17.32
C VAL A 199 -7.16 -2.74 16.90
N PRO A 200 -6.92 -3.89 16.23
CA PRO A 200 -5.58 -4.25 15.80
C PRO A 200 -5.04 -3.58 14.55
N ILE A 201 -4.77 -2.28 14.63
CA ILE A 201 -4.21 -1.55 13.49
C ILE A 201 -2.70 -1.55 13.70
N ASP A 202 -1.99 -2.39 12.95
CA ASP A 202 -0.53 -2.49 13.07
C ASP A 202 0.23 -1.41 12.34
N GLY A 203 -0.38 -0.82 11.31
CA GLY A 203 0.34 0.21 10.59
C GLY A 203 -0.51 1.20 9.83
N ILE A 204 0.11 2.34 9.52
CA ILE A 204 -0.55 3.36 8.73
C ILE A 204 0.24 3.38 7.44
N GLY A 205 -0.46 3.24 6.33
CA GLY A 205 0.20 3.26 5.04
C GLY A 205 -0.05 4.61 4.41
N SER A 206 1.02 5.28 4.01
CA SER A 206 0.90 6.59 3.36
C SER A 206 1.22 6.36 1.89
N GLN A 207 0.19 6.45 1.05
CA GLN A 207 0.34 6.22 -0.38
C GLN A 207 1.46 7.06 -0.97
N THR A 208 1.48 8.35 -0.63
CA THR A 208 2.53 9.23 -1.10
C THR A 208 2.57 9.42 -2.63
N HIS A 209 1.43 9.77 -3.21
CA HIS A 209 1.34 10.05 -4.63
C HIS A 209 1.56 11.54 -4.69
N LEU A 210 2.81 11.94 -4.90
CA LEU A 210 3.17 13.35 -4.90
C LEU A 210 3.24 14.08 -6.23
N SER A 211 3.18 15.40 -6.12
CA SER A 211 3.33 16.29 -7.24
C SER A 211 4.71 16.89 -6.96
N ALA A 212 5.27 17.62 -7.93
CA ALA A 212 6.58 18.21 -7.76
C ALA A 212 6.77 19.05 -6.51
N GLY A 213 7.85 18.79 -5.77
CA GLY A 213 8.15 19.56 -4.56
C GLY A 213 7.47 19.13 -3.27
N GLN A 214 6.61 18.13 -3.32
CA GLN A 214 5.92 17.71 -2.10
C GLN A 214 6.72 16.75 -1.22
N GLY A 215 7.88 16.32 -1.69
CA GLY A 215 8.69 15.41 -0.91
C GLY A 215 9.16 16.01 0.40
N ALA A 216 9.50 17.30 0.37
CA ALA A 216 9.99 18.01 1.55
C ALA A 216 9.06 17.87 2.76
N GLY A 217 7.76 18.01 2.52
CA GLY A 217 6.79 17.93 3.61
C GLY A 217 6.70 16.57 4.29
N VAL A 218 7.11 15.52 3.59
CA VAL A 218 7.04 14.18 4.15
C VAL A 218 8.00 14.01 5.33
N LEU A 219 9.05 14.82 5.37
CA LEU A 219 10.02 14.76 6.46
C LEU A 219 9.33 15.02 7.81
N GLN A 220 8.27 15.82 7.81
CA GLN A 220 7.54 16.10 9.04
C GLN A 220 6.25 15.27 9.14
N ALA A 221 5.69 14.92 7.99
CA ALA A 221 4.44 14.16 7.97
C ALA A 221 4.59 12.73 8.49
N LEU A 222 5.60 12.02 8.02
CA LEU A 222 5.81 10.63 8.44
C LEU A 222 6.02 10.53 9.95
N PRO A 223 6.84 11.43 10.54
CA PRO A 223 7.03 11.35 11.99
C PRO A 223 5.69 11.56 12.71
N LEU A 224 4.87 12.45 12.16
CA LEU A 224 3.56 12.72 12.75
C LEU A 224 2.70 11.47 12.69
N LEU A 225 2.72 10.78 11.55
CA LEU A 225 1.94 9.57 11.42
C LEU A 225 2.44 8.53 12.42
N ALA A 226 3.76 8.46 12.59
CA ALA A 226 4.34 7.51 13.54
C ALA A 226 3.91 7.80 14.98
N SER A 227 3.53 9.03 15.25
CA SER A 227 3.12 9.41 16.60
C SER A 227 1.79 8.77 17.02
N ALA A 228 1.09 8.16 16.07
CA ALA A 228 -0.18 7.51 16.38
C ALA A 228 0.05 6.28 17.26
N GLY A 229 1.29 5.79 17.27
CA GLY A 229 1.62 4.64 18.09
C GLY A 229 1.53 3.26 17.45
N THR A 230 1.30 3.18 16.15
CA THR A 230 1.24 1.86 15.50
C THR A 230 2.65 1.30 15.49
N PRO A 231 2.80 -0.03 15.56
CA PRO A 231 4.15 -0.59 15.55
C PRO A 231 4.88 -0.31 14.24
N GLU A 232 4.10 -0.11 13.17
CA GLU A 232 4.64 0.15 11.84
C GLU A 232 3.96 1.28 11.08
N VAL A 233 4.71 1.84 10.14
CA VAL A 233 4.22 2.85 9.21
C VAL A 233 4.99 2.55 7.94
N ALA A 234 4.47 2.93 6.80
CA ALA A 234 5.17 2.66 5.56
C ALA A 234 4.75 3.54 4.40
N ILE A 235 5.68 3.78 3.48
CA ILE A 235 5.39 4.55 2.27
C ILE A 235 4.90 3.41 1.38
N THR A 236 3.64 3.47 0.98
CA THR A 236 3.06 2.37 0.20
C THR A 236 2.85 2.45 -1.30
N GLU A 237 2.69 3.64 -1.86
CA GLU A 237 2.45 3.75 -3.29
C GLU A 237 3.18 4.95 -3.89
N LEU A 238 4.44 5.10 -3.53
CA LEU A 238 5.24 6.23 -3.99
C LEU A 238 5.46 6.43 -5.49
N ASP A 239 5.17 7.65 -5.93
CA ASP A 239 5.44 8.11 -7.28
C ASP A 239 5.41 9.63 -7.19
N VAL A 240 6.19 10.29 -8.03
CA VAL A 240 6.29 11.75 -8.00
C VAL A 240 6.25 12.34 -9.40
N ALA A 241 5.30 13.24 -9.62
CA ALA A 241 5.19 13.90 -10.92
C ALA A 241 6.53 14.59 -11.15
N GLY A 242 7.16 14.30 -12.29
CA GLY A 242 8.43 14.92 -12.57
C GLY A 242 9.62 14.06 -12.17
N ALA A 243 9.39 13.15 -11.23
CA ALA A 243 10.43 12.24 -10.75
C ALA A 243 11.73 12.94 -10.33
N SER A 244 11.58 14.11 -9.72
CA SER A 244 12.74 14.86 -9.26
C SER A 244 13.52 14.08 -8.20
N PRO A 245 14.85 14.00 -8.34
CA PRO A 245 15.63 13.28 -7.34
C PRO A 245 15.41 13.88 -5.95
N THR A 246 15.16 15.19 -5.90
CA THR A 246 14.94 15.89 -4.63
C THR A 246 13.72 15.35 -3.88
N ASP A 247 12.62 15.13 -4.59
CA ASP A 247 11.43 14.60 -3.96
C ASP A 247 11.65 13.16 -3.50
N TYR A 248 12.22 12.34 -4.38
CA TYR A 248 12.47 10.96 -4.04
C TYR A 248 13.40 10.80 -2.84
N VAL A 249 14.52 11.52 -2.84
CA VAL A 249 15.46 11.43 -1.73
C VAL A 249 14.82 11.90 -0.43
N ASN A 250 13.99 12.94 -0.49
CA ASN A 250 13.32 13.43 0.72
C ASN A 250 12.43 12.34 1.32
N VAL A 251 11.66 11.65 0.49
CA VAL A 251 10.78 10.59 0.98
C VAL A 251 11.58 9.46 1.58
N VAL A 252 12.70 9.10 0.95
CA VAL A 252 13.52 8.02 1.48
C VAL A 252 14.08 8.44 2.84
N ASN A 253 14.59 9.66 2.95
CA ASN A 253 15.12 10.14 4.21
C ASN A 253 14.06 10.18 5.30
N ALA A 254 12.83 10.49 4.93
CA ALA A 254 11.75 10.53 5.91
C ALA A 254 11.61 9.15 6.55
N CYS A 255 11.68 8.11 5.73
CA CYS A 255 11.56 6.74 6.24
C CYS A 255 12.79 6.38 7.07
N LEU A 256 13.98 6.75 6.60
CA LEU A 256 15.20 6.46 7.34
C LEU A 256 15.14 7.12 8.71
N ASN A 257 14.55 8.31 8.76
CA ASN A 257 14.44 9.07 10.00
C ASN A 257 13.37 8.56 10.97
N VAL A 258 12.44 7.75 10.48
CA VAL A 258 11.37 7.22 11.32
C VAL A 258 11.62 5.75 11.66
N GLN A 259 11.89 5.50 12.95
CA GLN A 259 12.17 4.15 13.45
C GLN A 259 11.13 3.10 13.06
N SER A 260 9.86 3.49 13.09
CA SER A 260 8.79 2.55 12.77
C SER A 260 8.50 2.37 11.29
N CYS A 261 9.18 3.13 10.42
CA CYS A 261 8.97 2.97 8.98
C CYS A 261 9.71 1.71 8.55
N VAL A 262 8.97 0.69 8.13
CA VAL A 262 9.58 -0.56 7.74
C VAL A 262 10.10 -0.61 6.30
N GLY A 263 9.56 0.24 5.43
CA GLY A 263 10.01 0.24 4.05
C GLY A 263 9.24 1.13 3.11
N ILE A 264 9.60 1.04 1.83
CA ILE A 264 8.99 1.85 0.79
C ILE A 264 8.60 1.00 -0.40
N THR A 265 7.45 1.31 -0.98
CA THR A 265 6.96 0.64 -2.17
C THR A 265 6.70 1.73 -3.21
N VAL A 266 7.33 1.62 -4.39
CA VAL A 266 7.10 2.59 -5.45
C VAL A 266 6.00 1.99 -6.32
N TRP A 267 5.08 2.83 -6.77
CA TRP A 267 3.93 2.34 -7.54
C TRP A 267 4.14 2.02 -9.01
N GLY A 268 5.02 1.05 -9.27
CA GLY A 268 5.30 0.65 -10.64
C GLY A 268 6.78 0.64 -10.95
N VAL A 269 7.14 0.13 -12.13
CA VAL A 269 8.54 0.06 -12.54
C VAL A 269 8.91 1.12 -13.57
N ALA A 270 8.39 1.00 -14.78
CA ALA A 270 8.71 1.93 -15.87
C ALA A 270 7.62 2.98 -16.12
N ASP A 271 8.06 4.21 -16.38
CA ASP A 271 7.16 5.34 -16.63
C ASP A 271 5.93 5.09 -17.49
N PRO A 272 6.10 4.55 -18.71
CA PRO A 272 4.92 4.31 -19.55
C PRO A 272 3.84 3.40 -18.95
N ASP A 273 4.22 2.59 -17.96
CA ASP A 273 3.28 1.69 -17.32
C ASP A 273 2.68 2.26 -16.03
N SER A 274 3.01 3.50 -15.73
CA SER A 274 2.50 4.16 -14.52
C SER A 274 1.05 4.58 -14.74
N TRP A 275 0.25 4.55 -13.67
CA TRP A 275 -1.15 4.96 -13.78
C TRP A 275 -1.17 6.48 -13.98
N ARG A 276 0.00 7.11 -13.78
CA ARG A 276 0.16 8.55 -13.95
C ARG A 276 1.30 8.78 -14.96
N ALA A 277 1.37 7.92 -15.98
CA ALA A 277 2.43 8.00 -16.99
C ALA A 277 2.68 9.39 -17.59
N SER A 278 1.63 10.19 -17.73
CA SER A 278 1.77 11.52 -18.30
C SER A 278 2.68 12.41 -17.46
N THR A 279 3.03 11.94 -16.26
CA THR A 279 3.91 12.71 -15.41
C THR A 279 5.26 12.02 -15.19
N THR A 280 5.55 11.00 -16.01
CA THR A 280 6.80 10.23 -15.90
C THR A 280 7.27 10.26 -14.44
N PRO A 281 6.44 9.72 -13.53
CA PRO A 281 6.72 9.70 -12.09
C PRO A 281 7.49 8.54 -11.47
N LEU A 282 7.95 7.59 -12.26
CA LEU A 282 8.67 6.43 -11.71
C LEU A 282 10.19 6.48 -11.79
N LEU A 283 10.84 5.43 -11.31
CA LEU A 283 12.30 5.35 -11.26
C LEU A 283 13.02 4.78 -12.47
N PHE A 284 12.27 4.19 -13.40
CA PHE A 284 12.84 3.64 -14.63
C PHE A 284 12.09 4.24 -15.82
N ASP A 285 12.82 4.53 -16.90
CA ASP A 285 12.19 5.12 -18.08
C ASP A 285 11.59 4.06 -19.02
N GLY A 286 11.03 4.53 -20.13
CA GLY A 286 10.42 3.63 -21.09
C GLY A 286 11.39 2.61 -21.66
N ASN A 287 12.69 2.88 -21.55
CA ASN A 287 13.73 1.97 -22.03
C ASN A 287 14.13 1.01 -20.92
N PHE A 288 13.43 1.09 -19.80
CA PHE A 288 13.70 0.26 -18.63
C PHE A 288 15.06 0.54 -18.01
N ASN A 289 15.56 1.75 -18.23
CA ASN A 289 16.85 2.15 -17.67
C ASN A 289 16.63 3.00 -16.43
N PRO A 290 17.51 2.87 -15.43
CA PRO A 290 17.39 3.64 -14.20
C PRO A 290 17.44 5.13 -14.49
N LYS A 291 16.56 5.90 -13.84
CA LYS A 291 16.53 7.35 -14.03
C LYS A 291 17.39 8.03 -12.96
N PRO A 292 17.66 9.33 -13.11
CA PRO A 292 18.46 10.06 -12.13
C PRO A 292 17.96 9.85 -10.70
N ALA A 293 16.65 9.73 -10.53
CA ALA A 293 16.06 9.53 -9.20
C ALA A 293 16.47 8.20 -8.60
N TYR A 294 16.60 7.16 -9.42
CA TYR A 294 16.99 5.85 -8.93
C TYR A 294 18.43 5.93 -8.43
N ASN A 295 19.29 6.54 -9.23
CA ASN A 295 20.68 6.66 -8.84
C ASN A 295 20.84 7.51 -7.58
N ALA A 296 19.99 8.53 -7.45
CA ALA A 296 20.05 9.41 -6.28
C ALA A 296 19.69 8.64 -5.02
N ILE A 297 18.70 7.75 -5.12
CA ILE A 297 18.28 6.95 -3.99
C ILE A 297 19.43 6.01 -3.60
N VAL A 298 20.03 5.37 -4.60
CA VAL A 298 21.15 4.49 -4.36
C VAL A 298 22.27 5.24 -3.62
N GLN A 299 22.64 6.40 -4.14
CA GLN A 299 23.69 7.21 -3.56
C GLN A 299 23.38 7.62 -2.13
N ASP A 300 22.11 7.90 -1.86
CA ASP A 300 21.68 8.31 -0.52
C ASP A 300 21.75 7.15 0.47
N LEU A 301 21.34 5.96 0.03
CA LEU A 301 21.35 4.78 0.89
C LEU A 301 22.74 4.21 1.19
N GLN A 302 23.68 4.39 0.27
CA GLN A 302 25.03 3.86 0.48
C GLN A 302 25.69 4.57 1.64
N GLN A 303 26.71 4.02 2.15
C1 XYS B . -5.14 4.38 -4.89
C2 XYS B . -5.23 2.87 -4.65
C3 XYS B . -4.45 2.13 -5.73
C4 XYS B . -4.91 2.58 -7.09
C5 XYS B . -4.80 4.08 -7.21
O1 XYS B . -3.82 4.80 -4.68
O2 XYS B . -4.73 2.56 -3.34
O3 XYS B . -4.66 0.72 -5.60
O4 XYS B . -4.09 1.97 -8.09
O5 XYS B . -5.58 4.71 -6.18
C1 XYP B . -4.46 2.11 -9.46
C2 XYP B . -3.58 1.18 -10.29
C3 XYP B . -4.05 1.22 -11.73
C4 XYP B . -5.52 0.96 -11.84
C5 XYP B . -6.29 1.90 -10.91
O2 XYP B . -2.24 1.65 -10.21
O3 XYP B . -3.33 0.24 -12.50
O4 XYP B . -5.94 1.19 -13.18
O5 XYP B . -5.82 1.75 -9.56
#